data_4DDO
#
_entry.id   4DDO
#
_cell.length_a   56.820
_cell.length_b   101.320
_cell.length_c   131.180
_cell.angle_alpha   90.00
_cell.angle_beta   90.00
_cell.angle_gamma   90.00
#
_symmetry.space_group_name_H-M   'C 2 2 21'
#
loop_
_entity.id
_entity.type
_entity.pdbx_description
1 polymer '3-oxoacyl-[acyl-carrier-protein] synthase 2'
2 non-polymer 'SODIUM ION'
3 water water
#
_entity_poly.entity_id   1
_entity_poly.type   'polypeptide(L)'
_entity_poly.pdbx_seq_one_letter_code
;MAHHHHHHMGTLEAQTQGPGSMTLRVVVTGIGIVSPLGCGKELVWQRLIGGGSGLRRLGDDIAGELSAKVGGTVQDVAED
PEGGFDPERSVPHKELRKMDRFIQMAMVAADEALAEAGWAPEAEQQRERTATVVASGIGGFPGLAEAVRIGETRGVRRLS
PFTIPFFLSNLAAGQISIKHRFRGPLGCPVTACAASVQAIGDAMRMIRTGEADVVLAGGAEAAFDKVSLGGFAAARALST
GFSEEPVRASRPFDRDRDGFVMGEGAAMVVVESLDHALARGARPIAEIIGYGTTADAYHMTAGPDDGSGAMRAMKLALRM
GDVAPEQVDYVNAHATSTPVGDAGEIEALKTVFGVGAGPAISSTKSATGHLLGAAGAIEAAFSILALRDGVLPGTLNLEH
PDPAADGLDLIGPAARHVPVEIALSNGFGFGGVNASVLFRRYPSDRSAEAH
;
_entity_poly.pdbx_strand_id   A
#
loop_
_chem_comp.id
_chem_comp.type
_chem_comp.name
_chem_comp.formula
NA non-polymer 'SODIUM ION' 'Na 1'
#
# COMPACT_ATOMS: atom_id res chain seq x y z
N LEU A 24 10.34 4.82 -23.12
CA LEU A 24 9.53 3.55 -23.01
C LEU A 24 8.24 3.77 -22.24
N ARG A 25 7.12 3.31 -22.82
CA ARG A 25 5.86 3.23 -22.08
C ARG A 25 5.89 2.04 -21.12
N VAL A 26 5.42 2.25 -19.89
CA VAL A 26 5.51 1.25 -18.82
C VAL A 26 4.13 0.84 -18.37
N VAL A 27 3.90 -0.47 -18.20
CA VAL A 27 2.58 -0.97 -17.90
C VAL A 27 2.61 -1.89 -16.68
N VAL A 28 1.42 -2.14 -16.12
CA VAL A 28 1.26 -3.18 -15.12
C VAL A 28 0.51 -4.33 -15.70
N THR A 29 1.01 -5.54 -15.50
CA THR A 29 0.46 -6.73 -16.14
C THR A 29 -0.05 -7.76 -15.15
N GLY A 30 0.09 -7.49 -13.86
CA GLY A 30 -0.42 -8.36 -12.83
C GLY A 30 -0.45 -7.66 -11.48
N ILE A 31 -1.41 -8.09 -10.67
CA ILE A 31 -1.68 -7.49 -9.35
C ILE A 31 -2.00 -8.61 -8.37
N GLY A 32 -1.45 -8.52 -7.18
CA GLY A 32 -1.73 -9.46 -6.07
C GLY A 32 -2.03 -8.68 -4.80
N ILE A 33 -3.04 -9.09 -4.02
CA ILE A 33 -3.37 -8.43 -2.76
C ILE A 33 -3.63 -9.39 -1.60
N VAL A 34 -3.03 -9.10 -0.43
CA VAL A 34 -3.34 -9.74 0.85
C VAL A 34 -3.76 -8.54 1.73
N SER A 35 -4.97 -8.58 2.28
CA SER A 35 -5.51 -7.38 2.90
C SER A 35 -6.55 -7.67 3.99
N PRO A 36 -6.93 -6.64 4.75
CA PRO A 36 -8.06 -6.79 5.69
C PRO A 36 -9.41 -7.08 5.06
N LEU A 37 -9.55 -6.87 3.75
CA LEU A 37 -10.73 -7.28 3.00
C LEU A 37 -10.53 -8.64 2.31
N GLY A 38 -9.44 -9.33 2.57
CA GLY A 38 -9.23 -10.65 1.97
C GLY A 38 -7.99 -10.72 1.10
N CYS A 39 -7.79 -11.92 0.56
CA CYS A 39 -6.69 -12.24 -0.34
C CYS A 39 -7.28 -12.58 -1.69
N GLY A 40 -6.61 -12.09 -2.72
CA GLY A 40 -7.13 -12.18 -4.10
C GLY A 40 -7.75 -10.88 -4.53
N LYS A 41 -7.18 -10.25 -5.55
CA LYS A 41 -7.50 -8.84 -5.82
C LYS A 41 -8.95 -8.69 -6.32
N GLU A 42 -9.48 -9.69 -7.06
CA GLU A 42 -10.85 -9.62 -7.55
C GLU A 42 -11.85 -9.69 -6.40
N LEU A 43 -11.64 -10.63 -5.46
CA LEU A 43 -12.45 -10.74 -4.24
C LEU A 43 -12.39 -9.43 -3.40
N VAL A 44 -11.17 -8.96 -3.18
CA VAL A 44 -10.94 -7.70 -2.40
C VAL A 44 -11.69 -6.55 -3.05
N TRP A 45 -11.53 -6.40 -4.35
CA TRP A 45 -12.18 -5.32 -5.11
C TRP A 45 -13.67 -5.39 -5.00
N GLN A 46 -14.22 -6.58 -5.20
CA GLN A 46 -15.65 -6.79 -5.04
C GLN A 46 -16.13 -6.40 -3.60
N ARG A 47 -15.47 -6.89 -2.58
CA ARG A 47 -15.85 -6.51 -1.21
C ARG A 47 -15.75 -4.99 -0.95
N LEU A 48 -14.68 -4.39 -1.48
CA LEU A 48 -14.49 -2.94 -1.38
C LEU A 48 -15.65 -2.15 -1.99
N ILE A 49 -15.89 -2.41 -3.27
CA ILE A 49 -16.93 -1.74 -4.02
C ILE A 49 -18.35 -2.02 -3.53
N GLY A 50 -18.60 -3.19 -2.95
CA GLY A 50 -19.82 -3.44 -2.21
C GLY A 50 -19.97 -2.81 -0.83
N GLY A 51 -19.00 -2.02 -0.39
CA GLY A 51 -19.12 -1.30 0.86
C GLY A 51 -18.54 -2.00 2.07
N GLY A 52 -17.68 -2.98 1.86
CA GLY A 52 -17.17 -3.77 2.97
C GLY A 52 -16.01 -3.10 3.72
N SER A 53 -15.82 -3.54 4.96
CA SER A 53 -14.77 -3.03 5.85
C SER A 53 -13.90 -4.17 6.36
N GLY A 54 -12.60 -3.90 6.52
CA GLY A 54 -11.69 -4.85 7.13
C GLY A 54 -11.30 -4.49 8.55
N LEU A 55 -12.03 -3.55 9.15
CA LEU A 55 -11.67 -3.08 10.50
C LEU A 55 -12.36 -3.95 11.53
N ARG A 56 -11.58 -4.36 12.52
CA ARG A 56 -12.00 -5.29 13.56
C ARG A 56 -11.39 -4.91 14.87
N ARG A 57 -11.98 -5.44 15.94
CA ARG A 57 -11.38 -5.32 17.26
C ARG A 57 -10.11 -6.19 17.37
N LEU A 58 -9.03 -5.58 17.80
CA LEU A 58 -7.77 -6.27 17.96
C LEU A 58 -7.78 -7.16 19.19
N GLY A 59 -6.95 -8.19 19.19
CA GLY A 59 -6.84 -9.02 20.38
C GLY A 59 -6.27 -8.24 21.54
N ASP A 60 -6.64 -8.63 22.77
CA ASP A 60 -6.09 -7.98 23.94
C ASP A 60 -4.57 -8.12 24.07
N ASP A 61 -3.99 -9.18 23.49
CA ASP A 61 -2.55 -9.39 23.50
C ASP A 61 -1.80 -8.24 22.76
N ILE A 62 -2.46 -7.60 21.82
CA ILE A 62 -1.92 -6.45 21.11
C ILE A 62 -2.37 -5.11 21.77
N ALA A 63 -3.68 -4.97 22.05
CA ALA A 63 -4.30 -3.65 22.36
C ALA A 63 -4.92 -3.52 23.77
N GLY A 64 -4.77 -4.57 24.57
CA GLY A 64 -5.36 -4.63 25.89
C GLY A 64 -5.06 -3.42 26.77
N GLU A 65 -3.84 -2.88 26.68
CA GLU A 65 -3.39 -1.78 27.59
C GLU A 65 -3.65 -0.38 26.96
N LEU A 66 -4.26 -0.34 25.78
CA LEU A 66 -4.35 0.86 24.96
C LEU A 66 -5.81 1.19 24.70
N SER A 67 -6.13 2.45 24.51
CA SER A 67 -7.50 2.82 24.11
C SER A 67 -7.66 2.81 22.58
N ALA A 68 -6.58 2.53 21.84
CA ALA A 68 -6.67 2.25 20.41
C ALA A 68 -6.93 0.73 20.18
N LYS A 69 -8.17 0.35 19.89
CA LYS A 69 -8.60 -1.08 19.93
C LYS A 69 -8.91 -1.69 18.59
N VAL A 70 -8.82 -0.90 17.54
CA VAL A 70 -9.30 -1.30 16.22
C VAL A 70 -8.13 -1.35 15.25
N GLY A 71 -8.15 -2.33 14.35
CA GLY A 71 -7.11 -2.49 13.32
C GLY A 71 -7.70 -3.11 12.08
N GLY A 72 -7.02 -2.88 10.94
CA GLY A 72 -7.31 -3.62 9.74
C GLY A 72 -6.49 -4.91 9.78
N THR A 73 -7.14 -6.01 10.09
CA THR A 73 -6.44 -7.28 10.27
C THR A 73 -6.68 -8.22 9.09
N VAL A 74 -5.68 -9.03 8.75
CA VAL A 74 -5.80 -10.07 7.78
C VAL A 74 -6.27 -11.35 8.45
N GLN A 75 -7.36 -11.93 7.99
CA GLN A 75 -7.94 -13.09 8.67
C GLN A 75 -7.46 -14.39 8.03
N ASP A 76 -7.51 -15.45 8.81
CA ASP A 76 -7.26 -16.80 8.30
C ASP A 76 -8.48 -17.45 7.62
N VAL A 77 -8.29 -18.64 7.05
CA VAL A 77 -9.41 -19.26 6.30
C VAL A 77 -10.51 -19.81 7.18
N ALA A 78 -10.22 -20.08 8.46
CA ALA A 78 -11.27 -20.42 9.40
C ALA A 78 -12.24 -19.24 9.50
N GLU A 79 -11.71 -18.01 9.60
CA GLU A 79 -12.53 -16.81 9.73
C GLU A 79 -13.11 -16.31 8.40
N ASP A 80 -12.39 -16.52 7.30
CA ASP A 80 -12.79 -16.08 5.97
C ASP A 80 -12.58 -17.22 4.95
N PRO A 81 -13.57 -18.11 4.81
CA PRO A 81 -13.33 -19.29 3.99
C PRO A 81 -12.95 -18.99 2.55
N GLU A 82 -13.58 -17.99 1.97
CA GLU A 82 -13.35 -17.66 0.55
C GLU A 82 -12.10 -16.81 0.33
N GLY A 83 -11.75 -15.94 1.27
CA GLY A 83 -10.66 -15.00 1.05
C GLY A 83 -9.56 -14.95 2.10
N GLY A 84 -9.57 -15.88 3.04
CA GLY A 84 -8.56 -15.96 4.09
C GLY A 84 -7.14 -16.17 3.64
N PHE A 85 -6.22 -15.84 4.53
CA PHE A 85 -4.80 -15.85 4.28
C PHE A 85 -4.22 -17.22 4.67
N ASP A 86 -3.75 -17.96 3.69
CA ASP A 86 -3.07 -19.22 3.96
C ASP A 86 -1.71 -19.29 3.28
N PRO A 87 -0.66 -18.89 4.01
CA PRO A 87 0.65 -18.81 3.41
C PRO A 87 1.25 -20.17 3.05
N GLU A 88 0.73 -21.25 3.62
CA GLU A 88 1.18 -22.56 3.20
C GLU A 88 0.98 -22.86 1.72
N ARG A 89 0.09 -22.14 1.04
CA ARG A 89 -0.07 -22.37 -0.41
C ARG A 89 1.12 -21.83 -1.17
N SER A 90 1.83 -20.85 -0.59
CA SER A 90 2.99 -20.24 -1.24
CA SER A 90 2.98 -20.25 -1.25
C SER A 90 4.32 -20.80 -0.77
N VAL A 91 4.35 -21.25 0.47
CA VAL A 91 5.58 -21.65 1.16
C VAL A 91 5.32 -22.94 1.94
N PRO A 92 6.20 -23.96 1.85
CA PRO A 92 6.10 -25.11 2.75
C PRO A 92 6.12 -24.70 4.23
N HIS A 93 5.33 -25.42 5.06
CA HIS A 93 5.20 -25.13 6.49
C HIS A 93 6.54 -24.99 7.14
N LYS A 94 7.49 -25.86 6.76
CA LYS A 94 8.84 -25.88 7.32
C LYS A 94 9.57 -24.57 7.14
N GLU A 95 9.42 -23.96 5.96
CA GLU A 95 10.08 -22.71 5.63
C GLU A 95 9.38 -21.46 6.23
N LEU A 96 8.11 -21.58 6.62
CA LEU A 96 7.35 -20.43 7.22
C LEU A 96 7.96 -19.96 8.54
N ARG A 97 8.48 -20.93 9.29
CA ARG A 97 9.21 -20.66 10.53
C ARG A 97 10.40 -19.72 10.35
N LYS A 98 10.90 -19.57 9.12
CA LYS A 98 12.08 -18.76 8.82
C LYS A 98 11.73 -17.32 8.41
N MET A 99 10.43 -17.00 8.38
CA MET A 99 10.00 -15.70 7.88
C MET A 99 8.84 -15.07 8.69
N ASP A 100 9.03 -13.81 9.07
CA ASP A 100 8.04 -13.06 9.77
C ASP A 100 6.78 -12.91 8.92
N ARG A 101 5.72 -12.53 9.59
CA ARG A 101 4.43 -12.37 8.97
C ARG A 101 4.46 -11.50 7.69
N PHE A 102 5.15 -10.36 7.69
CA PHE A 102 5.10 -9.47 6.54
C PHE A 102 5.67 -10.16 5.31
N ILE A 103 6.65 -11.02 5.52
CA ILE A 103 7.28 -11.77 4.42
C ILE A 103 6.30 -12.80 3.89
N GLN A 104 5.59 -13.45 4.79
CA GLN A 104 4.62 -14.49 4.37
C GLN A 104 3.53 -13.85 3.52
N MET A 105 3.10 -12.65 3.89
CA MET A 105 2.11 -11.94 3.12
C MET A 105 2.66 -11.55 1.73
N ALA A 106 3.89 -11.04 1.72
CA ALA A 106 4.58 -10.65 0.49
C ALA A 106 4.63 -11.83 -0.49
N MET A 107 4.93 -13.03 0.01
CA MET A 107 5.01 -14.21 -0.81
C MET A 107 3.65 -14.54 -1.48
N VAL A 108 2.56 -14.50 -0.70
CA VAL A 108 1.23 -14.78 -1.27
C VAL A 108 0.82 -13.76 -2.32
N ALA A 109 1.07 -12.48 -2.04
CA ALA A 109 0.66 -11.44 -2.94
C ALA A 109 1.47 -11.50 -4.22
N ALA A 110 2.77 -11.79 -4.09
CA ALA A 110 3.64 -11.88 -5.24
C ALA A 110 3.25 -13.07 -6.16
N ASP A 111 2.94 -14.20 -5.55
CA ASP A 111 2.44 -15.35 -6.31
C ASP A 111 1.24 -14.98 -7.15
N GLU A 112 0.29 -14.25 -6.58
CA GLU A 112 -0.90 -13.85 -7.30
C GLU A 112 -0.57 -12.93 -8.48
N ALA A 113 0.17 -11.87 -8.20
CA ALA A 113 0.51 -10.89 -9.28
C ALA A 113 1.28 -11.59 -10.41
N LEU A 114 2.17 -12.51 -10.05
CA LEU A 114 3.02 -13.15 -11.07
C LEU A 114 2.21 -14.15 -11.89
N ALA A 115 1.27 -14.81 -11.22
CA ALA A 115 0.32 -15.73 -11.92
C ALA A 115 -0.54 -14.91 -12.92
N GLU A 116 -1.06 -13.76 -12.49
CA GLU A 116 -1.84 -12.94 -13.42
C GLU A 116 -1.01 -12.50 -14.65
N ALA A 117 0.20 -12.06 -14.39
CA ALA A 117 1.12 -11.55 -15.42
C ALA A 117 1.65 -12.65 -16.31
N GLY A 118 1.51 -13.88 -15.86
CA GLY A 118 2.13 -15.05 -16.51
C GLY A 118 3.64 -14.92 -16.65
N TRP A 119 4.28 -14.44 -15.59
CA TRP A 119 5.72 -14.24 -15.63
C TRP A 119 6.35 -15.28 -14.75
N ALA A 120 6.95 -16.29 -15.38
CA ALA A 120 7.52 -17.41 -14.62
C ALA A 120 8.76 -17.92 -15.37
N PRO A 121 9.77 -17.04 -15.54
CA PRO A 121 10.89 -17.37 -16.41
C PRO A 121 11.67 -18.56 -15.91
N GLU A 122 11.94 -19.49 -16.81
CA GLU A 122 12.75 -20.67 -16.54
C GLU A 122 14.20 -20.50 -16.95
N ALA A 123 14.47 -19.71 -18.00
CA ALA A 123 15.82 -19.50 -18.50
C ALA A 123 16.52 -18.36 -17.76
N GLU A 124 17.84 -18.52 -17.56
CA GLU A 124 18.60 -17.58 -16.78
C GLU A 124 18.58 -16.21 -17.41
N GLN A 125 18.53 -16.15 -18.74
CA GLN A 125 18.51 -14.87 -19.42
C GLN A 125 17.39 -13.93 -18.89
N GLN A 126 16.18 -14.46 -18.82
CA GLN A 126 15.04 -13.69 -18.36
C GLN A 126 14.99 -13.55 -16.84
N ARG A 127 15.41 -14.58 -16.10
CA ARG A 127 15.57 -14.47 -14.65
C ARG A 127 16.52 -13.34 -14.27
N GLU A 128 17.64 -13.22 -14.99
CA GLU A 128 18.60 -12.12 -14.74
C GLU A 128 18.06 -10.71 -15.04
N ARG A 129 16.97 -10.65 -15.81
CA ARG A 129 16.32 -9.39 -16.13
C ARG A 129 15.07 -9.11 -15.32
N THR A 130 14.88 -9.86 -14.23
CA THR A 130 13.74 -9.63 -13.38
C THR A 130 14.23 -9.06 -12.04
N ALA A 131 13.69 -7.89 -11.72
CA ALA A 131 13.98 -7.18 -10.47
C ALA A 131 12.87 -7.48 -9.47
N THR A 132 13.22 -7.39 -8.20
CA THR A 132 12.27 -7.58 -7.08
C THR A 132 12.40 -6.40 -6.11
N VAL A 133 11.37 -5.54 -6.02
CA VAL A 133 11.45 -4.33 -5.23
C VAL A 133 10.25 -4.27 -4.32
N VAL A 134 10.50 -4.51 -3.05
CA VAL A 134 9.43 -4.69 -2.05
C VAL A 134 9.76 -3.91 -0.79
N ALA A 135 8.90 -2.96 -0.55
CA ALA A 135 8.97 -2.00 0.50
C ALA A 135 8.36 -2.53 1.77
N SER A 136 8.82 -1.99 2.89
CA SER A 136 8.10 -2.11 4.16
C SER A 136 8.45 -0.90 5.02
N GLY A 137 7.50 -0.45 5.85
CA GLY A 137 7.71 0.74 6.63
C GLY A 137 8.45 0.37 7.91
N ILE A 138 8.02 -0.72 8.56
CA ILE A 138 8.53 -1.17 9.85
C ILE A 138 9.19 -2.57 9.74
N GLY A 139 8.86 -3.35 8.71
CA GLY A 139 9.40 -4.68 8.57
C GLY A 139 9.03 -5.63 9.70
N GLY A 140 9.97 -6.45 10.13
CA GLY A 140 9.69 -7.57 10.98
C GLY A 140 9.60 -7.20 12.45
N PHE A 141 8.72 -6.24 12.76
CA PHE A 141 8.58 -5.79 14.15
C PHE A 141 8.15 -6.94 15.08
N PRO A 142 7.11 -7.73 14.69
CA PRO A 142 6.78 -8.82 15.63
C PRO A 142 7.97 -9.76 15.91
N GLY A 143 8.71 -10.12 14.87
CA GLY A 143 9.91 -10.98 15.02
C GLY A 143 11.01 -10.37 15.88
N LEU A 144 11.29 -9.09 15.64
CA LEU A 144 12.26 -8.37 16.42
C LEU A 144 11.84 -8.29 17.88
N ALA A 145 10.57 -7.93 18.14
CA ALA A 145 10.06 -7.81 19.51
C ALA A 145 10.14 -9.11 20.25
N GLU A 146 9.81 -10.21 19.56
CA GLU A 146 9.90 -11.52 20.19
C GLU A 146 11.34 -11.83 20.58
N ALA A 147 12.26 -11.61 19.65
CA ALA A 147 13.67 -11.83 19.92
C ALA A 147 14.13 -11.03 21.15
N VAL A 148 13.70 -9.77 21.26
CA VAL A 148 14.06 -8.96 22.43
C VAL A 148 13.44 -9.56 23.70
N ARG A 149 12.20 -10.02 23.61
CA ARG A 149 11.54 -10.67 24.77
C ARG A 149 12.24 -11.96 25.19
N ILE A 150 12.65 -12.78 24.23
CA ILE A 150 13.40 -13.98 24.54
C ILE A 150 14.71 -13.64 25.26
N GLY A 151 15.39 -12.61 24.75
CA GLY A 151 16.59 -12.09 25.38
C GLY A 151 16.41 -11.72 26.84
N GLU A 152 15.30 -11.06 27.18
CA GLU A 152 14.95 -10.75 28.56
C GLU A 152 14.53 -11.95 29.43
N THR A 153 14.04 -13.04 28.84
CA THR A 153 13.48 -14.13 29.65
C THR A 153 14.41 -15.34 29.62
N ARG A 154 14.68 -15.86 28.44
CA ARG A 154 15.50 -17.05 28.26
C ARG A 154 17.04 -16.76 28.13
N GLY A 155 17.41 -15.59 27.64
CA GLY A 155 18.82 -15.21 27.45
C GLY A 155 19.08 -15.17 25.98
N VAL A 156 20.04 -14.32 25.57
CA VAL A 156 20.37 -14.24 24.14
C VAL A 156 21.05 -15.50 23.61
N ARG A 157 21.60 -16.34 24.50
CA ARG A 157 22.21 -17.58 24.08
C ARG A 157 21.17 -18.53 23.44
N ARG A 158 19.88 -18.27 23.68
CA ARG A 158 18.78 -19.13 23.26
C ARG A 158 18.14 -18.75 21.95
N LEU A 159 18.67 -17.76 21.24
CA LEU A 159 18.02 -17.25 20.06
C LEU A 159 18.11 -18.21 18.88
N SER A 160 17.06 -18.26 18.06
CA SER A 160 17.12 -19.09 16.86
C SER A 160 18.27 -18.64 15.95
N PRO A 161 18.91 -19.59 15.24
CA PRO A 161 19.87 -19.20 14.21
C PRO A 161 19.26 -18.39 13.05
N PHE A 162 17.93 -18.48 12.88
CA PHE A 162 17.21 -17.72 11.84
C PHE A 162 16.81 -16.32 12.27
N THR A 163 17.15 -15.92 13.49
CA THR A 163 16.69 -14.63 14.03
C THR A 163 16.84 -13.42 13.09
N ILE A 164 18.03 -13.20 12.52
CA ILE A 164 18.24 -11.95 11.76
C ILE A 164 17.48 -11.97 10.44
N PRO A 165 17.64 -13.02 9.61
CA PRO A 165 16.90 -12.98 8.33
C PRO A 165 15.37 -13.09 8.50
N PHE A 166 14.92 -13.60 9.65
CA PHE A 166 13.46 -13.66 9.95
C PHE A 166 12.79 -12.28 9.83
N PHE A 167 13.53 -11.22 10.20
CA PHE A 167 12.92 -9.89 10.33
C PHE A 167 13.46 -8.82 9.40
N LEU A 168 14.61 -9.05 8.75
CA LEU A 168 15.23 -8.00 7.91
C LEU A 168 14.26 -7.60 6.81
N SER A 169 14.05 -6.30 6.64
CA SER A 169 13.04 -5.82 5.73
C SER A 169 13.27 -6.34 4.29
N ASN A 170 14.53 -6.44 3.86
CA ASN A 170 14.83 -6.86 2.48
C ASN A 170 14.54 -8.35 2.26
N LEU A 171 14.25 -9.11 3.32
CA LEU A 171 13.98 -10.55 3.10
C LEU A 171 12.57 -10.81 2.54
N ALA A 172 11.69 -9.80 2.52
CA ALA A 172 10.45 -9.97 1.74
C ALA A 172 10.82 -10.12 0.25
N ALA A 173 11.47 -9.11 -0.30
CA ALA A 173 11.96 -9.21 -1.72
C ALA A 173 12.85 -10.43 -1.84
N GLY A 174 13.65 -10.69 -0.81
CA GLY A 174 14.60 -11.79 -0.84
C GLY A 174 13.97 -13.16 -1.02
N GLN A 175 12.97 -13.44 -0.23
CA GLN A 175 12.29 -14.74 -0.30
C GLN A 175 11.52 -14.87 -1.61
N ILE A 176 10.95 -13.77 -2.08
CA ILE A 176 10.25 -13.77 -3.38
C ILE A 176 11.24 -14.10 -4.50
N SER A 177 12.37 -13.40 -4.49
CA SER A 177 13.46 -13.65 -5.44
CA SER A 177 13.43 -13.66 -5.46
C SER A 177 13.91 -15.11 -5.41
N ILE A 178 14.09 -15.66 -4.21
CA ILE A 178 14.59 -17.05 -4.07
C ILE A 178 13.58 -18.05 -4.65
N LYS A 179 12.30 -17.90 -4.32
CA LYS A 179 11.27 -18.76 -4.89
C LYS A 179 11.22 -18.71 -6.41
N HIS A 180 11.26 -17.52 -6.98
CA HIS A 180 10.99 -17.38 -8.43
C HIS A 180 12.23 -17.25 -9.26
N ARG A 181 13.40 -17.30 -8.58
CA ARG A 181 14.71 -17.21 -9.20
C ARG A 181 14.90 -15.89 -9.94
N PHE A 182 14.45 -14.79 -9.34
CA PHE A 182 14.65 -13.48 -9.91
C PHE A 182 16.04 -12.94 -9.51
N ARG A 183 16.88 -12.76 -10.53
CA ARG A 183 18.31 -12.56 -10.33
C ARG A 183 18.79 -11.16 -10.78
N GLY A 184 17.86 -10.31 -11.23
CA GLY A 184 18.13 -8.89 -11.44
C GLY A 184 18.17 -8.12 -10.11
N PRO A 185 18.14 -6.78 -10.17
CA PRO A 185 18.23 -5.94 -8.99
C PRO A 185 17.20 -6.26 -7.90
N LEU A 186 17.62 -6.14 -6.66
CA LEU A 186 16.71 -6.28 -5.54
C LEU A 186 16.65 -4.90 -4.88
N GLY A 187 15.45 -4.48 -4.48
CA GLY A 187 15.33 -3.24 -3.72
C GLY A 187 14.37 -3.39 -2.56
N CYS A 188 14.58 -2.53 -1.57
CA CYS A 188 13.74 -2.45 -0.38
C CYS A 188 13.75 -1.03 0.17
N PRO A 189 12.87 -0.20 -0.38
CA PRO A 189 12.67 1.17 0.09
C PRO A 189 11.86 1.16 1.41
N VAL A 190 12.45 1.68 2.47
CA VAL A 190 11.83 1.75 3.78
C VAL A 190 11.62 3.23 4.03
N THR A 191 10.56 3.73 3.44
CA THR A 191 10.21 5.13 3.51
C THR A 191 8.78 5.28 4.01
N ALA A 192 8.45 4.53 5.06
CA ALA A 192 7.16 4.73 5.75
C ALA A 192 5.90 4.69 4.82
N CYS A 193 4.96 5.62 4.97
CA CYS A 193 3.69 5.51 4.23
C CYS A 193 3.79 5.79 2.78
N ALA A 194 4.98 6.24 2.34
CA ALA A 194 5.24 6.41 0.92
C ALA A 194 5.93 5.22 0.29
N ALA A 195 6.37 4.27 1.11
CA ALA A 195 7.37 3.28 0.71
C ALA A 195 7.03 2.49 -0.55
N SER A 196 5.82 1.95 -0.64
CA SER A 196 5.48 1.13 -1.77
C SER A 196 4.96 1.96 -2.97
N VAL A 197 4.66 3.24 -2.76
CA VAL A 197 4.56 4.16 -3.93
C VAL A 197 5.97 4.32 -4.54
N GLN A 198 6.98 4.50 -3.71
CA GLN A 198 8.36 4.56 -4.21
C GLN A 198 8.78 3.28 -4.84
N ALA A 199 8.38 2.14 -4.28
CA ALA A 199 8.74 0.87 -4.93
C ALA A 199 8.28 0.82 -6.38
N ILE A 200 7.08 1.30 -6.65
CA ILE A 200 6.54 1.34 -8.02
C ILE A 200 7.29 2.34 -8.88
N GLY A 201 7.54 3.54 -8.37
CA GLY A 201 8.34 4.53 -9.13
C GLY A 201 9.76 3.99 -9.42
N ASP A 202 10.37 3.35 -8.45
CA ASP A 202 11.70 2.78 -8.59
C ASP A 202 11.72 1.69 -9.67
N ALA A 203 10.67 0.87 -9.68
CA ALA A 203 10.50 -0.19 -10.70
C ALA A 203 10.41 0.47 -12.09
N MET A 204 9.58 1.50 -12.20
CA MET A 204 9.44 2.16 -13.48
C MET A 204 10.79 2.76 -13.97
N ARG A 205 11.54 3.36 -13.03
CA ARG A 205 12.81 3.97 -13.34
C ARG A 205 13.79 2.92 -13.92
N MET A 206 13.83 1.73 -13.31
CA MET A 206 14.70 0.67 -13.79
C MET A 206 14.35 0.08 -15.14
N ILE A 207 13.06 0.05 -15.45
CA ILE A 207 12.65 -0.34 -16.78
C ILE A 207 13.17 0.71 -17.78
N ARG A 208 13.05 1.99 -17.40
CA ARG A 208 13.50 3.09 -18.26
C ARG A 208 15.02 3.24 -18.41
N THR A 209 15.78 2.89 -17.40
CA THR A 209 17.23 2.88 -17.51
C THR A 209 17.73 1.60 -18.16
N GLY A 210 16.87 0.60 -18.38
CA GLY A 210 17.32 -0.65 -18.96
C GLY A 210 17.99 -1.60 -17.99
N GLU A 211 17.85 -1.34 -16.70
CA GLU A 211 18.41 -2.22 -15.67
C GLU A 211 17.56 -3.45 -15.33
N ALA A 212 16.33 -3.53 -15.85
CA ALA A 212 15.47 -4.70 -15.70
C ALA A 212 14.45 -4.69 -16.84
N ASP A 213 13.94 -5.85 -17.22
CA ASP A 213 12.82 -5.92 -18.19
C ASP A 213 11.47 -6.12 -17.45
N VAL A 214 11.52 -6.74 -16.28
CA VAL A 214 10.31 -6.96 -15.50
C VAL A 214 10.69 -6.71 -14.06
N VAL A 215 9.80 -6.05 -13.34
CA VAL A 215 9.97 -5.81 -11.91
C VAL A 215 8.74 -6.29 -11.17
N LEU A 216 8.97 -7.11 -10.16
CA LEU A 216 7.91 -7.42 -9.18
C LEU A 216 8.06 -6.38 -8.08
N ALA A 217 7.09 -5.45 -7.96
CA ALA A 217 7.25 -4.28 -7.14
C ALA A 217 6.06 -4.21 -6.18
N GLY A 218 6.33 -3.86 -4.94
CA GLY A 218 5.21 -3.64 -4.02
C GLY A 218 5.61 -3.37 -2.60
N GLY A 219 4.73 -3.75 -1.68
CA GLY A 219 5.01 -3.56 -0.26
C GLY A 219 4.30 -4.55 0.62
N ALA A 220 4.82 -4.74 1.85
CA ALA A 220 4.28 -5.70 2.77
C ALA A 220 4.48 -5.13 4.14
N GLU A 221 3.45 -5.25 4.98
CA GLU A 221 3.51 -4.74 6.35
C GLU A 221 2.70 -5.61 7.26
N ALA A 222 3.28 -6.02 8.36
CA ALA A 222 2.54 -6.75 9.38
C ALA A 222 3.27 -6.45 10.68
N ALA A 223 2.88 -5.32 11.28
CA ALA A 223 3.65 -4.70 12.37
C ALA A 223 2.92 -4.70 13.71
N PHE A 224 1.79 -5.42 13.82
CA PHE A 224 0.99 -5.38 15.03
C PHE A 224 1.74 -6.02 16.18
N ASP A 225 1.85 -5.28 17.26
CA ASP A 225 2.46 -5.70 18.48
C ASP A 225 2.10 -4.59 19.47
N LYS A 226 2.03 -4.92 20.75
CA LYS A 226 1.67 -3.90 21.75
C LYS A 226 2.65 -2.70 21.75
N VAL A 227 3.90 -2.94 21.40
CA VAL A 227 4.89 -1.86 21.45
C VAL A 227 4.80 -0.94 20.25
N SER A 228 4.59 -1.50 19.06
CA SER A 228 4.44 -0.66 17.88
C SER A 228 3.14 0.12 17.96
N LEU A 229 2.04 -0.53 18.31
CA LEU A 229 0.79 0.18 18.56
C LEU A 229 0.93 1.19 19.69
N GLY A 230 1.59 0.78 20.77
CA GLY A 230 1.85 1.63 21.93
C GLY A 230 2.64 2.86 21.55
N GLY A 231 3.61 2.67 20.67
CA GLY A 231 4.42 3.77 20.11
C GLY A 231 3.64 4.82 19.35
N PHE A 232 2.74 4.38 18.48
CA PHE A 232 1.85 5.30 17.78
C PHE A 232 0.86 5.93 18.74
N ALA A 233 0.35 5.13 19.67
CA ALA A 233 -0.59 5.63 20.67
C ALA A 233 0.05 6.73 21.51
N ALA A 234 1.35 6.57 21.84
CA ALA A 234 2.06 7.61 22.62
C ALA A 234 2.14 8.90 21.85
N ALA A 235 2.24 8.82 20.52
CA ALA A 235 2.20 10.02 19.67
C ALA A 235 0.81 10.60 19.46
N ARG A 236 -0.21 9.99 20.08
CA ARG A 236 -1.61 10.34 19.89
C ARG A 236 -2.01 10.24 18.39
N ALA A 237 -1.38 9.31 17.64
CA ALA A 237 -1.58 9.16 16.20
C ALA A 237 -2.80 8.27 15.87
N LEU A 238 -3.26 7.50 16.84
CA LEU A 238 -4.26 6.44 16.56
C LEU A 238 -5.69 6.79 16.97
N SER A 239 -6.66 6.30 16.17
CA SER A 239 -8.07 6.38 16.56
C SER A 239 -8.33 5.69 17.87
N THR A 240 -9.09 6.35 18.74
CA THR A 240 -9.45 5.80 20.05
C THR A 240 -10.95 5.85 20.36
N GLY A 241 -11.73 6.56 19.53
CA GLY A 241 -13.13 6.87 19.84
C GLY A 241 -14.21 5.94 19.31
N PHE A 242 -13.84 4.87 18.61
CA PHE A 242 -14.80 4.01 17.93
C PHE A 242 -14.60 2.53 18.22
N SER A 243 -14.16 2.18 19.44
CA SER A 243 -13.90 0.76 19.79
C SER A 243 -15.18 -0.11 19.76
N GLU A 244 -16.34 0.50 20.05
CA GLU A 244 -17.58 -0.26 20.08
C GLU A 244 -18.20 -0.45 18.71
N GLU A 245 -17.75 0.34 17.75
CA GLU A 245 -18.18 0.16 16.37
C GLU A 245 -16.94 0.26 15.47
N PRO A 246 -16.11 -0.80 15.47
CA PRO A 246 -14.81 -0.70 14.77
C PRO A 246 -14.87 -0.19 13.33
N VAL A 247 -15.88 -0.61 12.55
CA VAL A 247 -15.94 -0.20 11.14
C VAL A 247 -15.98 1.33 10.98
N ARG A 248 -16.40 2.03 12.04
CA ARG A 248 -16.49 3.48 11.93
C ARG A 248 -15.20 4.23 12.22
N ALA A 249 -14.14 3.53 12.65
CA ALA A 249 -12.92 4.19 13.19
C ALA A 249 -12.08 4.94 12.15
N SER A 250 -11.99 4.40 10.93
CA SER A 250 -11.22 5.05 9.87
C SER A 250 -12.16 5.92 9.04
N ARG A 251 -11.95 7.23 9.11
CA ARG A 251 -12.88 8.17 8.49
C ARG A 251 -12.12 9.36 7.89
N PRO A 252 -11.32 9.09 6.88
CA PRO A 252 -10.60 10.13 6.21
C PRO A 252 -11.50 11.31 5.80
N PHE A 253 -11.00 12.53 5.98
CA PHE A 253 -11.69 13.78 5.58
C PHE A 253 -12.90 14.14 6.45
N ASP A 254 -13.32 13.25 7.35
CA ASP A 254 -14.49 13.47 8.20
C ASP A 254 -14.21 14.30 9.45
N ARG A 255 -15.18 15.15 9.78
CA ARG A 255 -15.12 16.03 10.92
C ARG A 255 -14.70 15.35 12.22
N ASP A 256 -15.13 14.11 12.43
CA ASP A 256 -14.90 13.39 13.70
C ASP A 256 -13.75 12.38 13.65
N ARG A 257 -12.93 12.42 12.61
CA ARG A 257 -11.71 11.62 12.57
C ARG A 257 -10.85 11.95 13.78
N ASP A 258 -10.20 10.93 14.36
CA ASP A 258 -9.42 11.07 15.57
C ASP A 258 -8.12 10.22 15.57
N GLY A 259 -7.57 9.94 14.38
CA GLY A 259 -6.30 9.23 14.23
C GLY A 259 -6.47 8.03 13.33
N PHE A 260 -5.35 7.53 12.84
CA PHE A 260 -5.37 6.42 11.87
C PHE A 260 -5.65 5.09 12.54
N VAL A 261 -6.04 4.12 11.73
CA VAL A 261 -6.26 2.77 12.18
C VAL A 261 -5.20 1.92 11.49
N MET A 262 -4.30 1.32 12.27
CA MET A 262 -3.22 0.53 11.70
C MET A 262 -3.83 -0.65 10.98
N GLY A 263 -3.22 -1.01 9.85
CA GLY A 263 -3.62 -2.14 9.05
C GLY A 263 -2.39 -3.01 8.70
N GLU A 264 -2.66 -4.21 8.22
CA GLU A 264 -1.62 -5.14 7.74
C GLU A 264 -2.05 -5.71 6.38
N GLY A 265 -1.05 -6.12 5.61
CA GLY A 265 -1.23 -6.76 4.34
C GLY A 265 -0.06 -6.61 3.40
N ALA A 266 -0.25 -7.00 2.12
CA ALA A 266 0.77 -6.84 1.10
C ALA A 266 0.07 -6.68 -0.24
N ALA A 267 0.68 -5.95 -1.12
CA ALA A 267 0.20 -5.81 -2.50
C ALA A 267 1.41 -5.66 -3.41
N MET A 268 1.27 -6.26 -4.59
CA MET A 268 2.33 -6.36 -5.56
C MET A 268 1.79 -6.12 -6.97
N VAL A 269 2.64 -5.52 -7.81
CA VAL A 269 2.35 -5.32 -9.21
C VAL A 269 3.51 -5.84 -10.02
N VAL A 270 3.22 -6.33 -11.20
CA VAL A 270 4.26 -6.66 -12.15
C VAL A 270 4.33 -5.52 -13.16
N VAL A 271 5.52 -4.96 -13.27
CA VAL A 271 5.83 -3.78 -14.05
C VAL A 271 6.79 -4.12 -15.15
N GLU A 272 6.49 -3.69 -16.37
CA GLU A 272 7.33 -3.99 -17.54
C GLU A 272 7.01 -3.00 -18.68
N SER A 273 7.88 -2.92 -19.68
CA SER A 273 7.60 -2.04 -20.79
C SER A 273 6.40 -2.58 -21.56
N LEU A 274 5.64 -1.66 -22.16
CA LEU A 274 4.58 -2.08 -23.07
C LEU A 274 5.12 -2.98 -24.18
N ASP A 275 6.29 -2.67 -24.74
CA ASP A 275 6.81 -3.46 -25.87
C ASP A 275 7.09 -4.87 -25.40
N HIS A 276 7.66 -4.97 -24.19
CA HIS A 276 8.00 -6.25 -23.62
C HIS A 276 6.77 -7.08 -23.33
N ALA A 277 5.75 -6.44 -22.82
CA ALA A 277 4.48 -7.11 -22.54
C ALA A 277 3.80 -7.67 -23.79
N LEU A 278 3.76 -6.85 -24.85
CA LEU A 278 3.12 -7.26 -26.08
C LEU A 278 3.94 -8.32 -26.80
N ALA A 279 5.27 -8.20 -26.80
CA ALA A 279 6.14 -9.25 -27.36
C ALA A 279 5.88 -10.65 -26.75
N ARG A 280 5.55 -10.69 -25.47
CA ARG A 280 5.33 -11.98 -24.80
C ARG A 280 3.86 -12.35 -24.64
N GLY A 281 2.98 -11.51 -25.15
CA GLY A 281 1.56 -11.81 -25.11
C GLY A 281 0.87 -11.57 -23.78
N ALA A 282 1.48 -10.74 -22.93
CA ALA A 282 0.90 -10.35 -21.68
C ALA A 282 0.01 -9.15 -21.92
N ARG A 283 -1.16 -9.16 -21.29
CA ARG A 283 -2.15 -8.09 -21.46
C ARG A 283 -1.91 -6.96 -20.42
N PRO A 284 -1.67 -5.72 -20.88
CA PRO A 284 -1.52 -4.63 -19.94
C PRO A 284 -2.83 -4.34 -19.24
N ILE A 285 -2.78 -4.19 -17.93
CA ILE A 285 -3.98 -3.88 -17.13
C ILE A 285 -4.14 -2.37 -17.08
N ALA A 286 -3.05 -1.64 -16.99
CA ALA A 286 -3.04 -0.16 -17.02
C ALA A 286 -1.63 0.33 -17.31
N GLU A 287 -1.49 1.60 -17.66
CA GLU A 287 -0.22 2.19 -17.96
C GLU A 287 0.20 3.12 -16.83
N ILE A 288 1.48 3.06 -16.46
CA ILE A 288 2.07 4.00 -15.49
C ILE A 288 2.66 5.15 -16.26
N ILE A 289 2.11 6.36 -16.11
CA ILE A 289 2.54 7.47 -16.95
C ILE A 289 3.31 8.55 -16.20
N GLY A 290 3.30 8.50 -14.87
CA GLY A 290 3.99 9.49 -14.08
C GLY A 290 4.26 9.07 -12.65
N TYR A 291 5.33 9.65 -12.12
CA TYR A 291 5.79 9.40 -10.76
C TYR A 291 6.58 10.59 -10.29
N GLY A 292 6.28 11.06 -9.08
CA GLY A 292 7.04 12.11 -8.45
C GLY A 292 7.26 11.85 -6.97
N THR A 293 8.43 12.21 -6.47
CA THR A 293 8.68 12.06 -5.03
C THR A 293 9.53 13.24 -4.54
N THR A 294 9.18 13.71 -3.35
CA THR A 294 9.77 14.88 -2.75
C THR A 294 9.94 14.67 -1.23
N ALA A 295 10.64 15.59 -0.59
CA ALA A 295 10.75 15.63 0.87
C ALA A 295 10.28 17.00 1.38
N ASP A 296 9.54 17.00 2.47
CA ASP A 296 9.06 18.23 3.11
C ASP A 296 10.23 19.04 3.68
N ALA A 297 11.21 18.33 4.27
CA ALA A 297 12.30 18.95 4.98
C ALA A 297 11.73 19.98 6.01
N TYR A 298 10.77 19.54 6.81
CA TYR A 298 9.97 20.41 7.65
C TYR A 298 9.95 19.87 9.10
N HIS A 299 9.38 18.69 9.31
CA HIS A 299 9.28 18.08 10.67
C HIS A 299 9.30 16.54 10.55
N MET A 300 9.72 15.85 11.63
CA MET A 300 10.02 14.41 11.55
CA MET A 300 10.02 14.41 11.57
C MET A 300 8.81 13.47 11.41
N THR A 301 7.61 13.92 11.79
CA THR A 301 6.41 13.06 11.61
C THR A 301 5.25 13.77 10.92
N ALA A 302 5.03 15.06 11.24
CA ALA A 302 3.98 15.90 10.64
C ALA A 302 4.47 16.62 9.38
N GLY A 303 3.61 16.62 8.36
CA GLY A 303 3.81 17.47 7.16
C GLY A 303 3.40 18.91 7.41
N PRO A 304 3.85 19.85 6.56
CA PRO A 304 3.42 21.25 6.64
C PRO A 304 1.92 21.46 6.40
N ASP A 305 1.34 22.46 7.06
CA ASP A 305 -0.11 22.69 6.97
C ASP A 305 -0.61 22.99 5.53
N ASP A 306 0.23 23.60 4.70
CA ASP A 306 -0.15 23.91 3.31
C ASP A 306 0.06 22.72 2.36
N GLY A 307 0.60 21.61 2.86
CA GLY A 307 0.77 20.43 2.00
C GLY A 307 1.74 20.61 0.85
N SER A 308 2.68 21.55 0.99
CA SER A 308 3.54 21.93 -0.12
C SER A 308 4.47 20.79 -0.66
N GLY A 309 4.93 19.89 0.18
CA GLY A 309 5.78 18.78 -0.33
C GLY A 309 4.96 17.80 -1.15
N ALA A 310 3.75 17.50 -0.65
CA ALA A 310 2.78 16.64 -1.33
C ALA A 310 2.31 17.26 -2.64
N MET A 311 2.04 18.56 -2.61
CA MET A 311 1.75 19.33 -3.80
C MET A 311 2.82 19.17 -4.87
N ARG A 312 4.07 19.38 -4.48
CA ARG A 312 5.18 19.26 -5.43
C ARG A 312 5.31 17.85 -6.02
N ALA A 313 5.04 16.83 -5.21
CA ALA A 313 5.15 15.45 -5.68
C ALA A 313 4.03 15.17 -6.70
N MET A 314 2.83 15.68 -6.43
CA MET A 314 1.73 15.49 -7.37
C MET A 314 2.07 16.14 -8.69
N LYS A 315 2.59 17.36 -8.64
CA LYS A 315 2.89 18.13 -9.83
C LYS A 315 3.97 17.48 -10.69
N LEU A 316 4.98 16.91 -10.04
CA LEU A 316 6.01 16.18 -10.75
C LEU A 316 5.44 14.96 -11.47
N ALA A 317 4.53 14.24 -10.82
CA ALA A 317 3.88 13.06 -11.48
C ALA A 317 3.08 13.55 -12.72
N LEU A 318 2.29 14.58 -12.54
CA LEU A 318 1.49 15.13 -13.66
C LEU A 318 2.41 15.59 -14.80
N ARG A 319 3.50 16.27 -14.44
CA ARG A 319 4.42 16.81 -15.45
C ARG A 319 5.04 15.66 -16.22
N MET A 320 5.39 14.58 -15.53
CA MET A 320 5.96 13.41 -16.20
C MET A 320 4.96 12.78 -17.13
N GLY A 321 3.69 12.80 -16.72
CA GLY A 321 2.63 12.23 -17.56
C GLY A 321 2.12 13.14 -18.67
N ASP A 322 2.57 14.40 -18.70
CA ASP A 322 2.05 15.41 -19.62
C ASP A 322 0.53 15.54 -19.51
N VAL A 323 0.06 15.61 -18.26
CA VAL A 323 -1.35 15.60 -17.93
C VAL A 323 -1.60 16.87 -17.16
N ALA A 324 -2.57 17.66 -17.60
CA ALA A 324 -3.00 18.85 -16.87
C ALA A 324 -3.87 18.40 -15.67
N PRO A 325 -3.90 19.18 -14.59
CA PRO A 325 -4.73 18.83 -13.44
C PRO A 325 -6.19 18.50 -13.79
N GLU A 326 -6.75 19.26 -14.71
CA GLU A 326 -8.16 19.08 -15.11
C GLU A 326 -8.43 17.75 -15.86
N GLN A 327 -7.37 17.06 -16.30
CA GLN A 327 -7.50 15.77 -16.98
C GLN A 327 -7.48 14.58 -15.99
N VAL A 328 -7.21 14.83 -14.72
CA VAL A 328 -7.20 13.73 -13.73
C VAL A 328 -8.65 13.41 -13.31
N ASP A 329 -9.05 12.15 -13.48
CA ASP A 329 -10.43 11.75 -13.16
C ASP A 329 -10.60 11.37 -11.70
N TYR A 330 -9.57 10.73 -11.14
CA TYR A 330 -9.67 10.14 -9.83
C TYR A 330 -8.38 10.27 -9.07
N VAL A 331 -8.50 10.58 -7.79
CA VAL A 331 -7.40 10.58 -6.87
C VAL A 331 -7.72 9.66 -5.70
N ASN A 332 -6.87 8.64 -5.51
CA ASN A 332 -6.85 7.83 -4.33
C ASN A 332 -5.91 8.50 -3.35
N ALA A 333 -6.50 9.25 -2.45
CA ALA A 333 -5.76 10.11 -1.51
C ALA A 333 -4.99 9.27 -0.49
N HIS A 334 -3.90 9.84 0.00
CA HIS A 334 -3.20 9.29 1.16
C HIS A 334 -4.08 9.20 2.41
N ALA A 335 -4.94 10.21 2.58
CA ALA A 335 -5.65 10.52 3.85
C ALA A 335 -5.90 9.32 4.77
N THR A 336 -5.22 9.35 5.90
CA THR A 336 -5.19 8.24 6.85
C THR A 336 -6.19 8.39 8.01
N SER A 337 -6.95 9.49 8.04
CA SER A 337 -7.96 9.79 9.10
C SER A 337 -7.34 10.50 10.31
N THR A 338 -6.30 11.29 10.07
CA THR A 338 -5.74 12.14 11.11
C THR A 338 -6.26 13.59 10.94
N PRO A 339 -6.53 14.30 12.05
CA PRO A 339 -6.94 15.70 11.92
C PRO A 339 -5.95 16.56 11.12
N VAL A 340 -4.67 16.47 11.45
CA VAL A 340 -3.65 17.33 10.80
C VAL A 340 -3.24 16.79 9.42
N GLY A 341 -3.03 15.48 9.29
CA GLY A 341 -2.56 14.94 8.02
C GLY A 341 -3.59 15.10 6.90
N ASP A 342 -4.86 14.77 7.19
CA ASP A 342 -5.89 14.86 6.17
C ASP A 342 -6.04 16.33 5.74
N ALA A 343 -5.98 17.26 6.70
CA ALA A 343 -6.08 18.68 6.38
C ALA A 343 -4.91 19.13 5.47
N GLY A 344 -3.70 18.62 5.71
CA GLY A 344 -2.53 18.95 4.86
C GLY A 344 -2.75 18.49 3.42
N GLU A 345 -3.22 17.26 3.25
CA GLU A 345 -3.50 16.75 1.91
C GLU A 345 -4.64 17.53 1.21
N ILE A 346 -5.67 17.90 1.98
CA ILE A 346 -6.73 18.78 1.45
C ILE A 346 -6.13 20.06 0.89
N GLU A 347 -5.24 20.69 1.64
CA GLU A 347 -4.62 21.91 1.14
C GLU A 347 -3.82 21.65 -0.12
N ALA A 348 -3.11 20.52 -0.17
CA ALA A 348 -2.31 20.17 -1.33
C ALA A 348 -3.17 19.89 -2.55
N LEU A 349 -4.28 19.20 -2.37
CA LEU A 349 -5.20 18.93 -3.46
C LEU A 349 -5.79 20.22 -4.05
N LYS A 350 -6.21 21.14 -3.17
CA LYS A 350 -6.72 22.45 -3.60
C LYS A 350 -5.68 23.18 -4.43
N THR A 351 -4.41 23.07 -4.06
CA THR A 351 -3.38 23.82 -4.75
C THR A 351 -3.21 23.29 -6.16
N VAL A 352 -3.11 21.97 -6.29
CA VAL A 352 -2.94 21.34 -7.58
C VAL A 352 -4.19 21.47 -8.48
N PHE A 353 -5.37 21.17 -7.92
CA PHE A 353 -6.57 20.98 -8.75
C PHE A 353 -7.58 22.11 -8.74
N GLY A 354 -7.41 23.06 -7.83
CA GLY A 354 -8.42 24.10 -7.63
C GLY A 354 -9.66 23.56 -6.92
N VAL A 355 -10.74 24.33 -6.97
CA VAL A 355 -12.01 23.95 -6.38
C VAL A 355 -13.13 24.12 -7.38
N GLY A 356 -14.27 23.48 -7.11
CA GLY A 356 -15.43 23.58 -8.00
C GLY A 356 -15.50 22.59 -9.18
N ALA A 357 -14.39 21.98 -9.55
CA ALA A 357 -14.40 20.96 -10.61
C ALA A 357 -13.45 19.85 -10.16
N GLY A 358 -12.44 19.55 -10.97
CA GLY A 358 -11.33 18.71 -10.48
C GLY A 358 -11.69 17.24 -10.39
N PRO A 359 -10.78 16.43 -9.82
CA PRO A 359 -11.02 15.00 -9.81
C PRO A 359 -11.96 14.58 -8.68
N ALA A 360 -12.57 13.42 -8.84
CA ALA A 360 -13.24 12.72 -7.74
C ALA A 360 -12.15 12.19 -6.82
N ILE A 361 -12.31 12.32 -5.51
CA ILE A 361 -11.26 12.00 -4.53
C ILE A 361 -11.85 11.10 -3.43
N SER A 362 -11.18 9.97 -3.14
CA SER A 362 -11.55 9.10 -1.99
C SER A 362 -10.34 8.51 -1.34
N SER A 363 -10.49 8.05 -0.10
CA SER A 363 -9.46 7.30 0.56
C SER A 363 -9.98 5.94 0.94
N THR A 364 -9.38 4.91 0.38
CA THR A 364 -9.73 3.56 0.69
C THR A 364 -9.18 3.09 2.01
N LYS A 365 -8.33 3.89 2.66
CA LYS A 365 -7.97 3.61 4.07
C LYS A 365 -9.18 3.56 5.01
N SER A 366 -10.29 4.16 4.58
CA SER A 366 -11.57 4.12 5.28
C SER A 366 -12.04 2.68 5.46
N ALA A 367 -11.68 1.84 4.53
CA ALA A 367 -12.08 0.45 4.53
C ALA A 367 -10.96 -0.50 4.96
N THR A 368 -9.71 -0.21 4.63
CA THR A 368 -8.60 -1.16 4.89
C THR A 368 -7.80 -0.80 6.13
N GLY A 369 -7.93 0.44 6.56
CA GLY A 369 -6.98 1.02 7.47
C GLY A 369 -5.70 1.38 6.75
N HIS A 370 -4.73 1.82 7.53
CA HIS A 370 -3.45 2.27 7.06
C HIS A 370 -2.43 1.14 7.06
N LEU A 371 -2.12 0.62 5.87
CA LEU A 371 -1.13 -0.46 5.68
C LEU A 371 0.33 0.00 5.66
N LEU A 372 0.56 1.27 5.98
CA LEU A 372 1.89 1.82 6.19
C LEU A 372 2.74 1.62 4.93
N GLY A 373 3.80 0.83 5.00
CA GLY A 373 4.61 0.53 3.82
C GLY A 373 3.95 -0.23 2.69
N ALA A 374 2.85 -0.92 3.01
CA ALA A 374 2.07 -1.56 1.98
C ALA A 374 0.91 -0.71 1.45
N ALA A 375 0.61 0.45 2.06
CA ALA A 375 -0.47 1.30 1.56
C ALA A 375 -0.29 1.72 0.08
N GLY A 376 0.94 2.07 -0.32
CA GLY A 376 1.24 2.54 -1.65
C GLY A 376 0.84 1.55 -2.72
N ALA A 377 1.16 0.27 -2.50
CA ALA A 377 0.92 -0.76 -3.47
C ALA A 377 -0.58 -1.13 -3.53
N ILE A 378 -1.24 -1.24 -2.38
CA ILE A 378 -2.66 -1.65 -2.39
C ILE A 378 -3.50 -0.51 -3.00
N GLU A 379 -3.12 0.73 -2.72
CA GLU A 379 -3.87 1.87 -3.24
C GLU A 379 -3.58 2.15 -4.68
N ALA A 380 -2.38 1.79 -5.15
CA ALA A 380 -2.09 1.74 -6.60
C ALA A 380 -2.94 0.68 -7.29
N ALA A 381 -3.10 -0.47 -6.67
CA ALA A 381 -3.91 -1.58 -7.19
C ALA A 381 -5.37 -1.11 -7.29
N PHE A 382 -5.87 -0.47 -6.23
CA PHE A 382 -7.24 0.06 -6.27
C PHE A 382 -7.40 1.12 -7.35
N SER A 383 -6.42 1.98 -7.54
CA SER A 383 -6.49 2.99 -8.62
C SER A 383 -6.50 2.38 -10.01
N ILE A 384 -5.72 1.33 -10.20
CA ILE A 384 -5.68 0.63 -11.46
C ILE A 384 -7.00 -0.07 -11.78
N LEU A 385 -7.56 -0.77 -10.79
CA LEU A 385 -8.87 -1.41 -10.93
C LEU A 385 -10.02 -0.40 -11.16
N ALA A 386 -9.90 0.82 -10.60
CA ALA A 386 -10.89 1.88 -10.82
C ALA A 386 -10.97 2.25 -12.27
N LEU A 387 -9.79 2.35 -12.89
CA LEU A 387 -9.64 2.59 -14.28
C LEU A 387 -10.14 1.41 -15.10
N ARG A 388 -9.71 0.20 -14.76
CA ARG A 388 -10.14 -0.98 -15.52
C ARG A 388 -11.68 -1.13 -15.62
N ASP A 389 -12.36 -0.96 -14.50
CA ASP A 389 -13.80 -1.25 -14.39
C ASP A 389 -14.69 -0.02 -14.43
N GLY A 390 -14.14 1.19 -14.42
CA GLY A 390 -15.01 2.38 -14.34
C GLY A 390 -15.79 2.48 -13.04
N VAL A 391 -15.14 2.19 -11.92
CA VAL A 391 -15.77 2.31 -10.59
C VAL A 391 -14.81 2.95 -9.60
N LEU A 392 -15.21 4.06 -8.97
CA LEU A 392 -14.34 4.78 -8.07
C LEU A 392 -14.77 4.48 -6.65
N PRO A 393 -13.87 3.91 -5.84
CA PRO A 393 -14.27 3.59 -4.49
C PRO A 393 -14.68 4.86 -3.74
N GLY A 394 -15.68 4.71 -2.87
CA GLY A 394 -16.10 5.76 -1.96
C GLY A 394 -15.24 5.82 -0.70
N THR A 395 -15.47 6.82 0.12
CA THR A 395 -14.84 6.92 1.44
C THR A 395 -15.87 6.54 2.50
N LEU A 396 -15.74 5.37 3.08
CA LEU A 396 -16.64 4.98 4.14
C LEU A 396 -16.54 5.99 5.25
N ASN A 397 -17.59 6.11 6.06
CA ASN A 397 -17.61 6.97 7.22
C ASN A 397 -17.56 8.47 6.96
N LEU A 398 -17.66 8.90 5.70
CA LEU A 398 -17.55 10.31 5.40
C LEU A 398 -18.92 10.91 5.55
N GLU A 399 -19.20 11.34 6.77
CA GLU A 399 -20.53 11.77 7.16
C GLU A 399 -20.65 13.30 7.25
N HIS A 400 -19.53 13.96 7.52
CA HIS A 400 -19.48 15.40 7.64
C HIS A 400 -18.12 15.83 7.16
N PRO A 401 -17.98 16.14 5.86
CA PRO A 401 -16.64 16.42 5.39
C PRO A 401 -16.09 17.67 6.01
N ASP A 402 -14.79 17.68 6.22
CA ASP A 402 -14.09 18.87 6.64
C ASP A 402 -14.46 20.11 5.79
N PRO A 403 -14.92 21.19 6.44
CA PRO A 403 -15.21 22.41 5.66
C PRO A 403 -14.03 22.90 4.78
N ALA A 404 -12.78 22.61 5.18
CA ALA A 404 -11.63 23.00 4.37
C ALA A 404 -11.63 22.37 2.98
N ALA A 405 -12.30 21.23 2.83
CA ALA A 405 -12.42 20.50 1.56
C ALA A 405 -13.58 20.97 0.67
N ASP A 406 -14.38 21.92 1.15
CA ASP A 406 -15.49 22.44 0.34
C ASP A 406 -14.94 22.77 -1.03
N GLY A 407 -15.59 22.28 -2.06
CA GLY A 407 -15.15 22.56 -3.41
C GLY A 407 -14.31 21.44 -4.01
N LEU A 408 -13.77 20.53 -3.17
CA LEU A 408 -13.16 19.30 -3.66
C LEU A 408 -14.28 18.28 -3.82
N ASP A 409 -14.24 17.52 -4.90
CA ASP A 409 -15.25 16.50 -5.14
C ASP A 409 -14.89 15.25 -4.37
N LEU A 410 -15.22 15.25 -3.07
CA LEU A 410 -14.98 14.08 -2.25
C LEU A 410 -16.08 13.05 -2.46
N ILE A 411 -15.72 11.80 -2.73
CA ILE A 411 -16.72 10.75 -2.94
C ILE A 411 -17.18 10.29 -1.57
N GLY A 412 -18.48 10.21 -1.37
CA GLY A 412 -19.07 9.74 -0.12
C GLY A 412 -18.94 8.23 0.03
N PRO A 413 -19.69 7.65 0.99
CA PRO A 413 -19.52 6.22 1.22
C PRO A 413 -19.80 5.28 0.05
N ALA A 414 -20.62 5.67 -0.94
CA ALA A 414 -20.95 4.71 -2.01
C ALA A 414 -20.00 4.92 -3.17
N ALA A 415 -19.54 3.81 -3.75
CA ALA A 415 -18.70 3.84 -4.94
C ALA A 415 -19.40 4.58 -6.09
N ARG A 416 -18.60 5.19 -6.94
CA ARG A 416 -19.14 5.92 -8.09
C ARG A 416 -18.83 5.18 -9.38
N HIS A 417 -19.88 4.77 -10.09
CA HIS A 417 -19.72 4.07 -11.36
C HIS A 417 -19.64 5.05 -12.48
N VAL A 418 -18.44 5.33 -12.96
CA VAL A 418 -18.26 6.25 -14.09
C VAL A 418 -17.02 5.82 -14.86
N PRO A 419 -17.08 5.91 -16.21
CA PRO A 419 -15.86 5.60 -16.95
C PRO A 419 -14.81 6.69 -16.71
N VAL A 420 -13.56 6.30 -16.49
CA VAL A 420 -12.49 7.23 -16.19
C VAL A 420 -11.24 6.76 -16.95
N GLU A 421 -10.31 7.68 -17.19
CA GLU A 421 -9.09 7.39 -17.94
C GLU A 421 -7.77 7.62 -17.15
N ILE A 422 -7.77 8.56 -16.21
CA ILE A 422 -6.51 8.91 -15.52
C ILE A 422 -6.72 8.92 -14.01
N ALA A 423 -5.85 8.21 -13.29
CA ALA A 423 -5.93 8.12 -11.81
C ALA A 423 -4.56 8.42 -11.18
N LEU A 424 -4.60 9.13 -10.04
CA LEU A 424 -3.43 9.51 -9.27
C LEU A 424 -3.57 8.88 -7.90
N SER A 425 -2.50 8.33 -7.36
CA SER A 425 -2.49 7.80 -5.98
C SER A 425 -1.29 8.36 -5.17
N ASN A 426 -1.56 8.81 -3.94
CA ASN A 426 -0.61 9.54 -3.11
C ASN A 426 -0.19 8.71 -1.89
N GLY A 427 1.07 8.85 -1.48
CA GLY A 427 1.53 8.35 -0.21
C GLY A 427 2.47 9.39 0.41
N PHE A 428 2.11 9.88 1.60
CA PHE A 428 2.83 11.00 2.23
C PHE A 428 3.22 10.58 3.62
N GLY A 429 4.44 10.04 3.79
CA GLY A 429 4.93 9.43 5.02
C GLY A 429 5.85 10.14 6.03
N PHE A 430 5.95 9.52 7.22
CA PHE A 430 6.81 9.99 8.30
C PHE A 430 8.23 10.26 7.77
N GLY A 431 8.82 11.36 8.24
CA GLY A 431 10.12 11.79 7.81
C GLY A 431 10.03 12.72 6.61
N GLY A 432 8.81 13.20 6.38
CA GLY A 432 8.47 14.09 5.27
C GLY A 432 8.60 13.52 3.85
N VAL A 433 8.48 12.20 3.67
CA VAL A 433 8.59 11.56 2.35
C VAL A 433 7.24 11.56 1.61
N ASN A 434 7.18 12.19 0.44
CA ASN A 434 5.96 12.28 -0.39
C ASN A 434 6.20 11.60 -1.72
N ALA A 435 5.22 10.82 -2.16
CA ALA A 435 5.33 10.14 -3.44
C ALA A 435 3.95 10.08 -4.05
N SER A 436 3.86 10.34 -5.36
CA SER A 436 2.62 10.21 -6.12
C SER A 436 2.86 9.43 -7.39
N VAL A 437 1.91 8.57 -7.75
CA VAL A 437 2.03 7.79 -8.96
C VAL A 437 0.75 7.95 -9.81
N LEU A 438 0.93 8.04 -11.13
CA LEU A 438 -0.15 8.38 -12.06
C LEU A 438 -0.32 7.29 -13.10
N PHE A 439 -1.55 6.85 -13.29
CA PHE A 439 -1.89 5.72 -14.17
C PHE A 439 -2.86 6.19 -15.25
N ARG A 440 -2.80 5.53 -16.40
CA ARG A 440 -3.74 5.76 -17.48
C ARG A 440 -4.34 4.42 -17.84
N ARG A 441 -5.63 4.44 -18.15
CA ARG A 441 -6.35 3.24 -18.55
C ARG A 441 -5.71 2.69 -19.81
N TYR A 442 -5.66 1.37 -19.94
CA TYR A 442 -5.21 0.74 -21.19
C TYR A 442 -6.37 -0.02 -21.81
N PRO A 443 -6.67 0.20 -23.11
CA PRO A 443 -5.98 1.08 -24.07
C PRO A 443 -6.49 2.49 -23.87
N SER A 444 -5.75 3.47 -24.40
CA SER A 444 -5.92 4.90 -24.02
C SER A 444 -7.22 5.56 -24.53
NA NA B . -3.29 6.48 -1.86
#